data_4BTU
#
_entry.id   4BTU
#
_cell.length_a   55.760
_cell.length_b   55.760
_cell.length_c   173.140
_cell.angle_alpha   90.00
_cell.angle_beta   90.00
_cell.angle_gamma   120.00
#
_symmetry.space_group_name_H-M   'P 32'
#
loop_
_entity.id
_entity.type
_entity.pdbx_description
1 polymer 'COAGULATION FACTOR X LIGHT CHAIN'
2 polymer 'COAGULATION FACTOR X HEAVY CHAIN'
3 non-polymer 'CALCIUM ION'
4 non-polymer '5-Chloro-thiophene-2-carboxylic acid [(S)-2-[2-chloro-5-fluoro-3-(2-oxo-piperidin-1-yl)-benzenesulfonylamino]-3-(4-methyl-piperazin-1-yl)-3-oxo-propyl]-amide'
5 water water
#
loop_
_entity_poly.entity_id
_entity_poly.type
_entity_poly.pdbx_seq_one_letter_code
_entity_poly.pdbx_strand_id
1 'polypeptide(L)'
;YKDGDQCETSPCQNQGKCKDGLGEYTCTCLEGFEGKNCELFTRKLCSLDNGDCDQFCHEEQNSVVCSCARGYTLADNGKA
CIPTGPYPCGKQTLER
;
A,E
2 'polypeptide(L)'
;IVGGQECKDGECPWQALLINEENEGFCGGTILSEFYILTAAHCLYQAKRFKVRVGDRNTEQEEGGEAVHEVEVVIKHNRF
TKETYDFDIAVLRLKTPITFRMNVAPACLPERDWAESTLMTQKTGIVSGFGRTHEKGRQSTRLKMLEVPYVDRNSCKLSS
SFIITQNMFCAGYDTKQEDACQGDSGGPHVTRFKDTYFVTGIVSWGEGCARKGKYGIYTKVTAFLKWIDRSMKTRGLPKA
KSHAPEVITSSPLK
;
B,F
#
# COMPACT_ATOMS: atom_id res chain seq x y z
N ARG A 43 -2.03 25.20 4.16
CA ARG A 43 -1.56 23.78 4.20
C ARG A 43 -0.23 23.64 4.94
N LYS A 44 0.05 22.42 5.38
CA LYS A 44 1.19 22.15 6.26
C LYS A 44 2.09 21.02 5.72
N LEU A 45 3.40 21.26 5.79
CA LEU A 45 4.44 20.27 5.45
C LEU A 45 4.42 19.83 3.98
N CYS A 46 4.23 18.53 3.73
CA CYS A 46 4.18 18.00 2.36
C CYS A 46 3.04 18.61 1.56
N SER A 47 2.01 19.06 2.26
CA SER A 47 0.87 19.74 1.66
C SER A 47 1.22 21.16 1.22
N LEU A 48 2.17 21.78 1.92
CA LEU A 48 2.65 23.12 1.56
C LEU A 48 3.90 23.05 0.68
N ASP A 49 3.70 23.28 -0.61
CA ASP A 49 4.77 23.31 -1.62
C ASP A 49 5.65 22.05 -1.60
N ASN A 50 5.00 20.89 -1.52
CA ASN A 50 5.66 19.58 -1.56
C ASN A 50 6.77 19.39 -0.52
N GLY A 51 6.71 20.16 0.56
CA GLY A 51 7.75 20.15 1.60
C GLY A 51 9.10 20.62 1.08
N ASP A 52 9.08 21.30 -0.07
CA ASP A 52 10.26 21.76 -0.78
C ASP A 52 11.10 20.62 -1.36
N CYS A 53 10.47 19.48 -1.61
CA CYS A 53 11.10 18.33 -2.25
C CYS A 53 10.99 18.42 -3.77
N ASP A 54 12.01 17.95 -4.47
CA ASP A 54 11.99 17.83 -5.93
C ASP A 54 10.91 16.85 -6.39
N GLN A 55 10.84 15.70 -5.71
CA GLN A 55 9.93 14.63 -6.10
C GLN A 55 9.06 14.14 -4.94
N PHE A 56 9.30 12.93 -4.45
CA PHE A 56 8.45 12.31 -3.43
C PHE A 56 8.59 12.98 -2.06
N CYS A 57 7.45 13.18 -1.40
CA CYS A 57 7.41 13.76 -0.05
C CYS A 57 6.61 12.85 0.87
N HIS A 58 7.19 12.53 2.03
CA HIS A 58 6.45 11.88 3.11
C HIS A 58 6.80 12.52 4.44
N GLU A 59 5.76 12.81 5.22
CA GLU A 59 5.92 13.43 6.53
C GLU A 59 6.40 12.39 7.53
N GLU A 60 7.73 12.30 7.65
CA GLU A 60 8.38 11.36 8.57
C GLU A 60 8.68 12.10 9.87
N GLN A 61 7.78 11.96 10.85
CA GLN A 61 7.81 12.72 12.10
C GLN A 61 7.78 14.23 11.82
N ASN A 62 6.59 14.71 11.45
CA ASN A 62 6.38 16.13 11.10
C ASN A 62 7.38 16.64 10.05
N SER A 63 8.66 16.60 10.41
CA SER A 63 9.76 16.89 9.49
C SER A 63 9.58 16.17 8.16
N VAL A 64 9.83 16.90 7.08
CA VAL A 64 9.65 16.40 5.73
C VAL A 64 10.89 15.61 5.30
N VAL A 65 10.67 14.39 4.81
CA VAL A 65 11.74 13.57 4.24
C VAL A 65 11.43 13.25 2.78
N CYS A 66 12.34 13.67 1.90
CA CYS A 66 12.18 13.50 0.46
C CYS A 66 12.92 12.28 -0.06
N SER A 67 12.35 11.64 -1.08
CA SER A 67 13.01 10.54 -1.79
C SER A 67 12.89 10.74 -3.30
N CYS A 68 13.75 10.06 -4.06
CA CYS A 68 13.82 10.25 -5.50
C CYS A 68 13.46 8.97 -6.26
N ALA A 69 13.09 9.12 -7.54
CA ALA A 69 12.82 8.00 -8.42
C ALA A 69 14.10 7.30 -8.83
N ARG A 70 13.96 6.08 -9.37
CA ARG A 70 15.11 5.29 -9.82
C ARG A 70 15.86 6.00 -10.94
N GLY A 71 17.20 6.08 -10.81
CA GLY A 71 18.03 6.80 -11.77
C GLY A 71 18.36 8.21 -11.31
N TYR A 72 17.91 8.54 -10.10
CA TYR A 72 18.24 9.79 -9.44
C TYR A 72 18.91 9.49 -8.10
N THR A 73 19.62 10.48 -7.56
CA THR A 73 20.15 10.39 -6.20
C THR A 73 19.85 11.66 -5.41
N LEU A 74 19.58 11.48 -4.11
CA LEU A 74 19.28 12.58 -3.21
C LEU A 74 20.52 13.43 -2.96
N ALA A 75 20.38 14.75 -3.09
CA ALA A 75 21.48 15.69 -2.87
C ALA A 75 21.78 15.85 -1.38
N ASP A 76 22.87 16.56 -1.07
CA ASP A 76 23.29 16.81 0.30
C ASP A 76 22.26 17.63 1.10
N ASN A 77 21.47 18.43 0.39
CA ASN A 77 20.38 19.19 0.99
C ASN A 77 19.19 18.29 1.37
N GLY A 78 19.18 17.09 0.82
CA GLY A 78 18.15 16.08 1.11
C GLY A 78 16.80 16.36 0.48
N LYS A 79 16.77 17.27 -0.49
CA LYS A 79 15.52 17.75 -1.08
C LYS A 79 15.52 17.64 -2.60
N ALA A 80 16.70 17.78 -3.20
CA ALA A 80 16.85 17.76 -4.65
C ALA A 80 17.14 16.37 -5.19
N CYS A 81 16.72 16.11 -6.43
CA CYS A 81 17.00 14.85 -7.11
C CYS A 81 17.99 15.05 -8.26
N ILE A 82 19.11 14.33 -8.18
CA ILE A 82 20.22 14.49 -9.13
C ILE A 82 20.34 13.26 -10.03
N PRO A 83 20.26 13.46 -11.36
CA PRO A 83 20.38 12.38 -12.34
C PRO A 83 21.69 11.59 -12.24
N THR A 84 21.58 10.27 -12.29
CA THR A 84 22.72 9.36 -12.23
C THR A 84 23.55 9.43 -13.51
N GLY A 85 22.87 9.42 -14.65
CA GLY A 85 23.52 9.49 -15.95
C GLY A 85 22.75 10.32 -16.95
N PRO A 86 22.97 10.08 -18.25
CA PRO A 86 22.19 10.76 -19.29
C PRO A 86 20.79 10.17 -19.41
N TYR A 87 19.84 11.01 -19.83
CA TYR A 87 18.43 10.63 -20.05
C TYR A 87 17.77 9.91 -18.86
N PRO A 88 17.63 10.60 -17.71
CA PRO A 88 16.93 10.01 -16.57
C PRO A 88 15.41 10.04 -16.76
N CYS A 89 14.69 9.22 -16.00
CA CYS A 89 13.22 9.14 -16.14
C CYS A 89 12.54 10.47 -15.91
N GLY A 90 11.46 10.71 -16.66
CA GLY A 90 10.60 11.87 -16.45
C GLY A 90 10.98 13.14 -17.20
N LYS A 91 12.26 13.29 -17.53
CA LYS A 91 12.75 14.50 -18.20
C LYS A 91 12.70 14.39 -19.72
N GLN A 92 12.10 15.40 -20.35
CA GLN A 92 11.98 15.44 -21.81
C GLN A 92 13.35 15.58 -22.48
N THR A 93 13.65 14.68 -23.40
CA THR A 93 14.97 14.60 -24.02
C THR A 93 15.14 15.53 -25.20
N LEU A 94 15.08 16.83 -24.94
CA LEU A 94 15.33 17.85 -25.96
C LEU A 94 16.80 17.89 -26.37
N GLU A 95 17.63 17.13 -25.66
CA GLU A 95 19.03 16.92 -26.01
C GLU A 95 19.13 15.72 -26.96
N ARG A 96 18.57 14.65 -26.71
N ILE B 1 -5.00 9.60 -31.14
CA ILE B 1 -5.38 10.87 -30.46
C ILE B 1 -6.26 11.72 -31.38
N VAL B 2 -7.48 11.97 -30.94
CA VAL B 2 -8.41 12.87 -31.63
C VAL B 2 -8.07 14.31 -31.24
N GLY B 3 -7.57 15.08 -32.21
CA GLY B 3 -7.11 16.43 -31.96
C GLY B 3 -5.73 16.44 -31.32
N GLY B 4 -5.51 17.37 -30.40
CA GLY B 4 -4.25 17.47 -29.68
C GLY B 4 -3.09 17.97 -30.51
N GLN B 5 -1.88 17.82 -29.98
CA GLN B 5 -0.64 18.27 -30.61
C GLN B 5 0.24 17.06 -30.93
N GLU B 6 1.23 17.24 -31.81
CA GLU B 6 2.18 16.16 -32.11
C GLU B 6 3.44 16.26 -31.24
N CYS B 7 3.95 15.10 -30.83
CA CYS B 7 5.17 15.05 -30.02
C CYS B 7 6.39 15.46 -30.83
N LYS B 8 7.03 16.55 -30.41
CA LYS B 8 8.28 17.00 -31.01
C LYS B 8 9.43 16.17 -30.47
N ASP B 9 10.60 16.29 -31.11
CA ASP B 9 11.81 15.57 -30.68
C ASP B 9 12.05 15.69 -29.17
N GLY B 10 11.91 14.55 -28.49
CA GLY B 10 12.21 14.46 -27.06
C GLY B 10 11.07 14.75 -26.10
N GLU B 11 9.90 15.09 -26.63
CA GLU B 11 8.74 15.44 -25.80
C GLU B 11 8.03 14.23 -25.18
N CYS B 12 7.91 13.16 -25.97
CA CYS B 12 7.25 11.94 -25.51
C CYS B 12 8.17 10.73 -25.69
N PRO B 13 9.32 10.71 -24.99
CA PRO B 13 10.31 9.66 -25.22
C PRO B 13 9.96 8.31 -24.60
N TRP B 14 8.98 8.30 -23.68
CA TRP B 14 8.55 7.10 -22.97
C TRP B 14 7.57 6.25 -23.78
N GLN B 15 7.15 6.76 -24.93
CA GLN B 15 6.16 6.09 -25.77
C GLN B 15 6.70 4.82 -26.43
N ALA B 16 6.06 3.69 -26.13
CA ALA B 16 6.38 2.43 -26.77
C ALA B 16 5.26 2.05 -27.75
N LEU B 17 5.59 1.21 -28.72
CA LEU B 17 4.62 0.77 -29.72
C LEU B 17 4.71 -0.74 -29.96
N LEU B 18 3.61 -1.44 -29.73
CA LEU B 18 3.55 -2.89 -29.93
C LEU B 18 3.18 -3.20 -31.37
N ILE B 19 4.11 -3.85 -32.08
CA ILE B 19 3.92 -4.17 -33.49
C ILE B 19 3.64 -5.66 -33.73
N ASN B 20 2.60 -5.94 -34.49
CA ASN B 20 2.20 -7.32 -34.80
C ASN B 20 3.15 -8.03 -35.77
N GLU B 21 2.72 -9.19 -36.25
CA GLU B 21 3.51 -10.01 -37.18
C GLU B 21 3.74 -9.35 -38.55
N GLU B 22 2.87 -8.40 -38.91
CA GLU B 22 2.97 -7.70 -40.19
C GLU B 22 3.44 -6.25 -40.01
N ASN B 23 4.43 -6.05 -39.14
CA ASN B 23 5.12 -4.76 -38.97
C ASN B 23 4.25 -3.60 -38.41
N GLU B 24 2.93 -3.80 -38.39
CA GLU B 24 1.99 -2.75 -38.02
C GLU B 24 1.78 -2.67 -36.50
N GLY B 25 1.77 -1.43 -35.99
CA GLY B 25 1.46 -1.18 -34.59
C GLY B 25 -0.02 -1.29 -34.29
N PHE B 26 -0.36 -1.95 -33.19
CA PHE B 26 -1.75 -2.12 -32.78
C PHE B 26 -2.06 -1.48 -31.43
N CYS B 27 -1.06 -1.40 -30.56
CA CYS B 27 -1.22 -0.84 -29.22
C CYS B 27 -0.08 0.11 -28.84
N GLY B 28 -0.33 0.92 -27.81
CA GLY B 28 0.69 1.81 -27.25
C GLY B 28 1.32 1.23 -25.99
N GLY B 29 2.30 1.94 -25.45
CA GLY B 29 3.01 1.50 -24.26
C GLY B 29 3.75 2.60 -23.52
N THR B 30 4.35 2.23 -22.40
CA THR B 30 5.17 3.15 -21.60
C THR B 30 6.46 2.46 -21.17
N ILE B 31 7.59 3.13 -21.40
CA ILE B 31 8.89 2.62 -20.96
C ILE B 31 9.08 2.93 -19.48
N LEU B 32 9.28 1.89 -18.68
CA LEU B 32 9.50 2.03 -17.25
C LEU B 32 10.99 1.93 -16.91
N SER B 33 11.67 0.98 -17.54
CA SER B 33 13.11 0.86 -17.47
C SER B 33 13.64 0.22 -18.77
N GLU B 34 14.94 -0.01 -18.83
CA GLU B 34 15.58 -0.58 -20.03
C GLU B 34 15.16 -2.01 -20.34
N PHE B 35 14.60 -2.71 -19.36
CA PHE B 35 14.13 -4.08 -19.55
C PHE B 35 12.61 -4.21 -19.57
N TYR B 36 11.91 -3.20 -19.04
CA TYR B 36 10.47 -3.32 -18.83
C TYR B 36 9.62 -2.28 -19.56
N ILE B 37 8.46 -2.73 -20.06
CA ILE B 37 7.48 -1.88 -20.74
C ILE B 37 6.11 -2.08 -20.09
N LEU B 38 5.37 -0.99 -19.90
CA LEU B 38 4.02 -1.05 -19.34
C LEU B 38 2.97 -0.92 -20.44
N THR B 39 1.98 -1.80 -20.41
CA THR B 39 0.90 -1.82 -21.39
C THR B 39 -0.42 -2.32 -20.76
N ALA B 40 -1.52 -2.13 -21.48
CA ALA B 40 -2.82 -2.65 -21.05
C ALA B 40 -2.91 -4.15 -21.31
N ALA B 41 -3.63 -4.85 -20.42
CA ALA B 41 -3.77 -6.30 -20.49
C ALA B 41 -4.51 -6.79 -21.74
N HIS B 42 -5.46 -6.00 -22.22
CA HIS B 42 -6.29 -6.37 -23.37
C HIS B 42 -5.53 -6.40 -24.70
N CYS B 43 -4.36 -5.74 -24.73
CA CYS B 43 -3.50 -5.71 -25.92
C CYS B 43 -2.89 -7.06 -26.26
N LEU B 44 -2.92 -7.99 -25.30
CA LEU B 44 -2.31 -9.31 -25.47
C LEU B 44 -3.15 -10.28 -26.33
N TYR B 45 -4.45 -9.98 -26.43
N TYR B 45 -4.45 -10.01 -26.43
CA TYR B 45 -5.37 -10.78 -27.24
CA TYR B 45 -5.33 -10.81 -27.27
C TYR B 45 -5.60 -10.16 -28.62
C TYR B 45 -5.67 -10.10 -28.59
N GLN B 46 -4.87 -9.09 -28.92
CA GLN B 46 -5.00 -8.38 -30.20
C GLN B 46 -4.30 -9.16 -31.32
N ALA B 47 -3.12 -9.67 -31.01
CA ALA B 47 -2.33 -10.47 -31.93
C ALA B 47 -1.57 -11.57 -31.18
N LYS B 48 -1.33 -12.70 -31.85
CA LYS B 48 -0.68 -13.85 -31.22
C LYS B 48 0.81 -13.65 -30.95
N ARG B 49 1.46 -12.82 -31.77
CA ARG B 49 2.88 -12.54 -31.62
C ARG B 49 3.18 -11.07 -31.90
N PHE B 50 3.96 -10.45 -31.01
CA PHE B 50 4.33 -9.05 -31.17
C PHE B 50 5.71 -8.69 -30.61
N LYS B 51 6.21 -7.52 -31.02
CA LYS B 51 7.46 -6.96 -30.50
C LYS B 51 7.24 -5.50 -30.13
N VAL B 52 8.25 -4.87 -29.52
CA VAL B 52 8.13 -3.48 -29.07
C VAL B 52 9.12 -2.58 -29.81
N ARG B 53 8.61 -1.50 -30.41
CA ARG B 53 9.44 -0.51 -31.07
C ARG B 53 9.51 0.79 -30.27
N VAL B 54 10.72 1.28 -30.07
CA VAL B 54 10.95 2.53 -29.33
C VAL B 54 11.55 3.61 -30.23
N GLY B 55 11.27 4.88 -29.89
CA GLY B 55 11.82 6.02 -30.62
C GLY B 55 11.14 6.32 -31.96
N ASP B 56 9.90 5.87 -32.11
CA ASP B 56 9.14 6.08 -33.33
C ASP B 56 8.27 7.34 -33.24
N ARG B 57 8.26 8.12 -34.31
CA ARG B 57 7.38 9.29 -34.41
C ARG B 57 6.61 9.30 -35.74
N ASN B 58 7.08 8.50 -36.69
CA ASN B 58 6.45 8.39 -38.00
C ASN B 58 6.46 6.93 -38.48
N THR B 59 5.29 6.32 -38.57
CA THR B 59 5.16 4.90 -38.91
C THR B 59 5.63 4.56 -40.34
N GLU B 60 5.61 5.55 -41.22
CA GLU B 60 5.99 5.37 -42.62
C GLU B 60 7.50 5.53 -42.83
N GLN B 61 8.05 6.61 -42.28
CA GLN B 61 9.46 6.96 -42.47
C GLN B 61 10.32 6.44 -41.32
N GLU B 62 11.42 5.77 -41.65
CA GLU B 62 12.39 5.32 -40.66
C GLU B 62 13.14 6.51 -40.08
N GLU B 63 13.08 6.65 -38.75
CA GLU B 63 13.49 7.90 -38.10
C GLU B 63 14.97 7.97 -37.72
N GLY B 64 15.54 6.87 -37.24
CA GLY B 64 16.90 6.88 -36.73
C GLY B 64 16.92 6.70 -35.22
N GLY B 65 15.80 7.02 -34.58
CA GLY B 65 15.62 6.74 -33.16
C GLY B 65 14.94 5.40 -32.97
N GLU B 66 14.49 4.80 -34.07
CA GLU B 66 13.79 3.53 -34.06
C GLU B 66 14.67 2.35 -33.67
N ALA B 67 14.14 1.52 -32.77
CA ALA B 67 14.76 0.26 -32.38
C ALA B 67 13.69 -0.73 -31.95
N VAL B 68 13.82 -1.97 -32.40
CA VAL B 68 12.84 -3.02 -32.10
C VAL B 68 13.40 -3.99 -31.07
N HIS B 69 12.54 -4.39 -30.13
CA HIS B 69 12.93 -5.30 -29.05
C HIS B 69 11.95 -6.47 -28.94
N GLU B 70 12.48 -7.66 -28.66
CA GLU B 70 11.66 -8.85 -28.49
C GLU B 70 11.23 -9.04 -27.04
N VAL B 71 9.95 -9.34 -26.85
CA VAL B 71 9.40 -9.58 -25.52
C VAL B 71 9.77 -10.99 -25.06
N GLU B 72 10.39 -11.08 -23.89
CA GLU B 72 10.81 -12.36 -23.32
C GLU B 72 9.71 -12.97 -22.45
N VAL B 73 9.40 -12.30 -21.33
CA VAL B 73 8.40 -12.80 -20.38
C VAL B 73 7.20 -11.84 -20.31
N VAL B 74 6.03 -12.35 -20.66
CA VAL B 74 4.79 -11.57 -20.57
C VAL B 74 4.13 -11.80 -19.22
N ILE B 75 3.90 -10.72 -18.49
CA ILE B 75 3.22 -10.78 -17.19
C ILE B 75 1.89 -10.05 -17.27
N LYS B 76 0.81 -10.78 -17.06
CA LYS B 76 -0.54 -10.21 -17.04
C LYS B 76 -1.16 -10.37 -15.66
N HIS B 77 -1.98 -9.40 -15.27
CA HIS B 77 -2.67 -9.44 -13.98
C HIS B 77 -3.69 -10.58 -13.98
N ASN B 78 -3.49 -11.53 -13.08
CA ASN B 78 -4.28 -12.76 -13.00
C ASN B 78 -5.77 -12.56 -12.66
N ARG B 79 -6.18 -11.30 -12.54
CA ARG B 79 -7.58 -10.96 -12.28
C ARG B 79 -8.18 -10.07 -13.37
N PHE B 80 -7.52 -10.01 -14.53
CA PHE B 80 -8.03 -9.24 -15.66
C PHE B 80 -9.19 -9.97 -16.33
N THR B 81 -10.33 -9.30 -16.39
CA THR B 81 -11.52 -9.81 -17.06
C THR B 81 -11.93 -8.86 -18.19
N LYS B 82 -12.09 -9.43 -19.38
CA LYS B 82 -12.35 -8.66 -20.61
C LYS B 82 -13.81 -8.20 -20.76
N GLU B 83 -14.64 -8.54 -19.78
CA GLU B 83 -16.04 -8.12 -19.78
C GLU B 83 -16.23 -6.77 -19.09
N THR B 84 -15.35 -6.47 -18.14
CA THR B 84 -15.36 -5.19 -17.43
C THR B 84 -14.08 -4.38 -17.72
N TYR B 85 -13.08 -5.05 -18.28
CA TYR B 85 -11.75 -4.47 -18.51
C TYR B 85 -11.05 -4.08 -17.19
N ASP B 86 -11.49 -4.71 -16.11
CA ASP B 86 -10.93 -4.46 -14.79
C ASP B 86 -9.53 -5.07 -14.70
N PHE B 87 -8.64 -4.40 -13.97
CA PHE B 87 -7.23 -4.81 -13.83
C PHE B 87 -6.52 -4.81 -15.20
N ASP B 88 -6.83 -3.81 -16.02
CA ASP B 88 -6.28 -3.70 -17.37
C ASP B 88 -4.82 -3.25 -17.34
N ILE B 89 -3.95 -4.17 -16.95
CA ILE B 89 -2.53 -3.89 -16.80
C ILE B 89 -1.69 -5.13 -17.15
N ALA B 90 -0.57 -4.89 -17.83
CA ALA B 90 0.36 -5.95 -18.20
C ALA B 90 1.79 -5.43 -18.24
N VAL B 91 2.74 -6.29 -17.91
CA VAL B 91 4.15 -5.95 -17.91
C VAL B 91 4.92 -6.80 -18.94
N LEU B 92 5.80 -6.15 -19.69
CA LEU B 92 6.60 -6.84 -20.71
C LEU B 92 8.09 -6.73 -20.38
N ARG B 93 8.71 -7.88 -20.07
CA ARG B 93 10.16 -7.94 -19.90
C ARG B 93 10.80 -8.28 -21.24
N LEU B 94 11.67 -7.38 -21.71
CA LEU B 94 12.32 -7.51 -23.00
C LEU B 94 13.59 -8.36 -22.93
N LYS B 95 13.95 -8.98 -24.05
CA LYS B 95 15.14 -9.82 -24.15
C LYS B 95 16.44 -9.03 -24.03
N THR B 96 16.48 -7.87 -24.68
CA THR B 96 17.66 -7.00 -24.67
C THR B 96 17.34 -5.64 -24.05
N PRO B 97 18.34 -5.00 -23.41
CA PRO B 97 18.11 -3.70 -22.77
C PRO B 97 17.82 -2.58 -23.77
N ILE B 98 17.16 -1.52 -23.29
CA ILE B 98 16.89 -0.34 -24.10
C ILE B 98 18.01 0.68 -23.90
N THR B 99 18.52 1.21 -25.01
CA THR B 99 19.46 2.33 -24.97
C THR B 99 18.68 3.63 -24.88
N PHE B 100 18.88 4.38 -23.80
CA PHE B 100 18.20 5.65 -23.62
C PHE B 100 18.92 6.75 -24.38
N ARG B 101 18.14 7.60 -25.05
CA ARG B 101 18.65 8.63 -25.95
C ARG B 101 17.57 9.67 -26.28
N MET B 102 17.83 10.48 -27.31
CA MET B 102 16.81 11.37 -27.86
C MET B 102 15.65 10.52 -28.37
N ASN B 103 14.45 10.84 -27.90
CA ASN B 103 13.21 10.10 -28.23
C ASN B 103 13.01 8.78 -27.48
N VAL B 104 14.03 8.34 -26.75
CA VAL B 104 13.96 7.09 -26.00
C VAL B 104 14.38 7.29 -24.54
N ALA B 105 13.41 7.30 -23.64
CA ALA B 105 13.66 7.49 -22.21
C ALA B 105 12.57 6.82 -21.38
N PRO B 106 12.90 6.40 -20.14
CA PRO B 106 11.85 5.82 -19.30
C PRO B 106 11.01 6.89 -18.62
N ALA B 107 9.86 6.48 -18.09
CA ALA B 107 9.01 7.36 -17.28
C ALA B 107 9.02 6.87 -15.84
N CYS B 108 9.16 7.79 -14.90
CA CYS B 108 9.27 7.45 -13.48
C CYS B 108 8.01 6.81 -12.94
N LEU B 109 8.17 5.77 -12.13
CA LEU B 109 7.08 5.20 -11.36
C LEU B 109 6.97 5.94 -10.03
N PRO B 110 5.78 6.47 -9.71
CA PRO B 110 5.56 7.25 -8.50
C PRO B 110 5.38 6.39 -7.25
N GLU B 111 5.46 7.03 -6.08
CA GLU B 111 5.09 6.39 -4.81
C GLU B 111 3.60 6.58 -4.56
N ARG B 112 2.97 5.58 -3.95
CA ARG B 112 1.51 5.49 -3.89
C ARG B 112 0.81 6.63 -3.14
N ASP B 113 1.30 6.96 -1.96
CA ASP B 113 0.68 8.00 -1.14
C ASP B 113 0.86 9.39 -1.73
N TRP B 114 2.06 9.67 -2.25
CA TRP B 114 2.39 10.97 -2.81
C TRP B 114 1.57 11.30 -4.06
N ALA B 115 1.50 10.35 -4.99
CA ALA B 115 0.82 10.54 -6.27
C ALA B 115 -0.68 10.85 -6.12
N GLU B 116 -1.33 10.16 -5.19
CA GLU B 116 -2.76 10.38 -4.90
C GLU B 116 -3.04 11.79 -4.40
N SER B 117 -2.14 12.32 -3.59
CA SER B 117 -2.32 13.64 -2.98
C SER B 117 -1.73 14.79 -3.81
N THR B 118 -0.75 14.47 -4.65
CA THR B 118 0.01 15.49 -5.37
C THR B 118 -0.27 15.49 -6.88
N LEU B 119 -0.14 14.33 -7.51
CA LEU B 119 -0.27 14.21 -8.96
C LEU B 119 -1.73 14.11 -9.40
N MET B 120 -2.54 13.39 -8.62
CA MET B 120 -3.96 13.21 -8.91
C MET B 120 -4.77 14.49 -8.67
N THR B 121 -4.21 15.40 -7.87
CA THR B 121 -4.86 16.68 -7.57
C THR B 121 -4.42 17.80 -8.53
N GLN B 122 -3.59 17.44 -9.51
CA GLN B 122 -3.20 18.38 -10.58
C GLN B 122 -4.37 18.59 -11.54
N LYS B 123 -4.30 19.66 -12.32
CA LYS B 123 -5.39 20.01 -13.24
C LYS B 123 -5.47 19.04 -14.43
N THR B 124 -4.35 18.80 -15.09
CA THR B 124 -4.32 18.02 -16.32
C THR B 124 -3.25 16.92 -16.33
N GLY B 125 -3.31 16.08 -17.36
CA GLY B 125 -2.30 15.07 -17.65
C GLY B 125 -2.04 15.00 -19.15
N ILE B 126 -1.07 14.21 -19.57
CA ILE B 126 -0.73 14.08 -20.99
C ILE B 126 -0.87 12.64 -21.48
N VAL B 127 -1.67 12.46 -22.53
CA VAL B 127 -1.79 11.16 -23.21
C VAL B 127 -1.21 11.22 -24.62
N SER B 128 -0.52 10.16 -25.03
CA SER B 128 0.15 10.13 -26.33
C SER B 128 -0.02 8.78 -27.03
N GLY B 129 0.14 8.78 -28.34
CA GLY B 129 0.05 7.54 -29.12
C GLY B 129 -0.09 7.67 -30.63
N PHE B 130 -0.13 6.53 -31.29
CA PHE B 130 -0.28 6.42 -32.75
C PHE B 130 -1.70 6.03 -33.16
N GLY B 131 -2.66 6.25 -32.26
CA GLY B 131 -4.04 5.79 -32.45
C GLY B 131 -4.85 6.52 -33.50
N ARG B 132 -6.17 6.35 -33.42
CA ARG B 132 -7.09 6.95 -34.41
C ARG B 132 -7.31 8.44 -34.15
N THR B 133 -7.35 9.21 -35.24
CA THR B 133 -7.54 10.66 -35.18
C THR B 133 -9.03 11.02 -35.15
N HIS B 134 -9.87 10.05 -35.51
CA HIS B 134 -11.32 10.17 -35.41
C HIS B 134 -11.86 8.82 -34.94
N GLU B 135 -13.04 8.83 -34.31
CA GLU B 135 -13.67 7.61 -33.82
C GLU B 135 -13.82 6.56 -34.93
N LYS B 136 -14.23 7.02 -36.11
CA LYS B 136 -14.42 6.17 -37.27
C LYS B 136 -13.16 6.14 -38.14
N GLY B 137 -12.15 6.93 -37.75
CA GLY B 137 -10.94 7.11 -38.54
C GLY B 137 -9.94 5.96 -38.49
N ARG B 138 -8.71 6.26 -38.90
CA ARG B 138 -7.63 5.28 -38.98
C ARG B 138 -6.46 5.71 -38.10
N GLN B 139 -5.52 4.77 -37.87
CA GLN B 139 -4.32 5.04 -37.08
C GLN B 139 -3.56 6.26 -37.60
N SER B 140 -3.00 7.05 -36.68
CA SER B 140 -2.20 8.20 -37.04
C SER B 140 -0.79 7.78 -37.43
N THR B 141 -0.32 8.30 -38.55
CA THR B 141 1.05 8.07 -39.02
C THR B 141 2.06 8.81 -38.15
N ARG B 142 1.58 9.81 -37.41
CA ARG B 142 2.44 10.62 -36.55
C ARG B 142 2.09 10.44 -35.07
N LEU B 143 3.11 10.53 -34.21
CA LEU B 143 2.92 10.47 -32.76
C LEU B 143 2.28 11.75 -32.26
N LYS B 144 1.18 11.61 -31.53
CA LYS B 144 0.39 12.75 -31.07
C LYS B 144 0.20 12.72 -29.55
N MET B 145 0.18 13.91 -28.95
CA MET B 145 -0.10 14.08 -27.51
C MET B 145 -1.31 14.97 -27.28
N LEU B 146 -1.92 14.85 -26.10
CA LEU B 146 -3.08 15.66 -25.74
C LEU B 146 -3.12 15.97 -24.25
N GLU B 147 -3.43 17.22 -23.92
CA GLU B 147 -3.61 17.62 -22.54
C GLU B 147 -5.02 17.28 -22.07
N VAL B 148 -5.12 16.24 -21.25
CA VAL B 148 -6.41 15.76 -20.74
C VAL B 148 -6.58 16.08 -19.25
N PRO B 149 -7.61 16.87 -18.91
CA PRO B 149 -7.88 17.21 -17.51
C PRO B 149 -8.38 16.00 -16.73
N TYR B 150 -8.07 15.96 -15.43
CA TYR B 150 -8.64 14.96 -14.55
C TYR B 150 -10.13 15.26 -14.33
N VAL B 151 -10.96 14.24 -14.48
CA VAL B 151 -12.41 14.37 -14.31
C VAL B 151 -12.83 13.85 -12.95
N ASP B 152 -13.67 14.61 -12.26
CA ASP B 152 -14.23 14.22 -10.96
C ASP B 152 -14.87 12.83 -11.02
N ARG B 153 -14.56 12.01 -10.02
CA ARG B 153 -15.00 10.62 -9.96
C ARG B 153 -16.52 10.46 -9.93
N ASN B 154 -17.20 11.39 -9.27
CA ASN B 154 -18.66 11.38 -9.16
C ASN B 154 -19.34 11.55 -10.53
N SER B 155 -18.86 12.52 -11.31
CA SER B 155 -19.35 12.75 -12.66
C SER B 155 -18.90 11.63 -13.62
N CYS B 156 -17.73 11.07 -13.32
CA CYS B 156 -17.16 9.95 -14.08
C CYS B 156 -18.07 8.72 -14.05
N LYS B 157 -18.65 8.45 -12.89
CA LYS B 157 -19.56 7.32 -12.72
C LYS B 157 -20.91 7.55 -13.41
N LEU B 158 -21.39 8.79 -13.39
CA LEU B 158 -22.69 9.13 -13.96
C LEU B 158 -22.73 9.17 -15.48
N SER B 159 -21.56 9.33 -16.12
CA SER B 159 -21.48 9.42 -17.57
C SER B 159 -21.32 8.06 -18.23
N SER B 160 -20.81 7.09 -17.47
CA SER B 160 -20.43 5.78 -18.01
C SER B 160 -21.60 4.81 -18.09
N SER B 161 -21.70 4.13 -19.23
CA SER B 161 -22.69 3.08 -19.44
C SER B 161 -22.15 1.72 -18.99
N PHE B 162 -20.99 1.74 -18.34
CA PHE B 162 -20.35 0.54 -17.82
C PHE B 162 -19.75 0.84 -16.45
N ILE B 163 -19.39 -0.22 -15.71
CA ILE B 163 -18.86 -0.07 -14.35
C ILE B 163 -17.51 0.65 -14.32
N ILE B 164 -17.37 1.57 -13.37
CA ILE B 164 -16.10 2.25 -13.11
C ILE B 164 -15.56 1.74 -11.76
N THR B 165 -14.53 0.89 -11.83
CA THR B 165 -13.97 0.26 -10.64
C THR B 165 -12.90 1.11 -9.99
N GLN B 166 -12.56 0.77 -8.74
CA GLN B 166 -11.52 1.46 -7.96
C GLN B 166 -10.17 1.56 -8.70
N ASN B 167 -9.94 0.62 -9.62
CA ASN B 167 -8.70 0.55 -10.38
C ASN B 167 -8.75 1.33 -11.70
N MET B 168 -9.70 2.25 -11.80
CA MET B 168 -9.89 3.08 -13.00
C MET B 168 -10.09 4.54 -12.60
N PHE B 169 -9.77 5.45 -13.52
CA PHE B 169 -10.10 6.87 -13.36
C PHE B 169 -10.45 7.54 -14.70
N CYS B 170 -11.24 8.61 -14.62
CA CYS B 170 -11.65 9.35 -15.81
C CYS B 170 -10.72 10.53 -16.10
N ALA B 171 -10.53 10.80 -17.39
CA ALA B 171 -9.78 11.97 -17.85
C ALA B 171 -10.25 12.42 -19.22
N GLY B 172 -10.34 13.73 -19.42
CA GLY B 172 -10.74 14.30 -20.71
C GLY B 172 -11.70 15.47 -20.58
N TYR B 173 -12.46 15.70 -21.65
CA TYR B 173 -13.40 16.82 -21.71
C TYR B 173 -14.85 16.32 -21.83
N ASP B 174 -15.80 17.18 -21.54
CA ASP B 174 -17.22 16.84 -21.59
C ASP B 174 -17.74 16.78 -23.03
N THR B 175 -17.58 17.88 -23.77
CA THR B 175 -18.07 17.97 -25.14
C THR B 175 -16.97 18.22 -26.15
N LYS B 176 -15.94 18.96 -25.75
CA LYS B 176 -14.81 19.31 -26.63
C LYS B 176 -14.26 18.05 -27.29
N GLN B 177 -14.32 18.03 -28.63
CA GLN B 177 -14.00 16.83 -29.42
C GLN B 177 -12.50 16.51 -29.43
N GLU B 178 -11.96 16.18 -28.26
CA GLU B 178 -10.57 15.76 -28.11
C GLU B 178 -10.43 14.66 -27.06
N ASP B 179 -9.84 13.54 -27.49
CA ASP B 179 -9.77 12.31 -26.69
C ASP B 179 -8.69 11.39 -27.25
N ALA B 180 -8.35 10.34 -26.50
CA ALA B 180 -7.55 9.24 -27.02
C ALA B 180 -8.50 8.25 -27.72
N CYS B 181 -7.94 7.35 -28.52
CA CYS B 181 -8.77 6.44 -29.31
C CYS B 181 -8.13 5.04 -29.48
N GLN B 182 -8.71 4.24 -30.37
CA GLN B 182 -8.22 2.89 -30.66
C GLN B 182 -6.85 2.96 -31.32
N GLY B 183 -5.90 2.22 -30.74
CA GLY B 183 -4.50 2.30 -31.16
C GLY B 183 -3.66 2.93 -30.06
N ASP B 184 -4.20 3.97 -29.44
CA ASP B 184 -3.59 4.59 -28.26
C ASP B 184 -3.64 3.65 -27.07
N SER B 185 -4.55 2.68 -27.14
CA SER B 185 -4.75 1.67 -26.11
C SER B 185 -3.43 1.13 -25.53
N GLY B 186 -3.32 1.14 -24.21
CA GLY B 186 -2.12 0.67 -23.53
C GLY B 186 -1.02 1.71 -23.42
N GLY B 187 -1.27 2.88 -24.00
CA GLY B 187 -0.30 3.98 -24.01
C GLY B 187 -0.20 4.73 -22.70
N PRO B 188 0.67 5.76 -22.66
CA PRO B 188 1.00 6.47 -21.43
C PRO B 188 0.09 7.65 -21.11
N HIS B 189 -0.37 7.69 -19.85
CA HIS B 189 -0.97 8.88 -19.28
C HIS B 189 -0.04 9.38 -18.17
N VAL B 190 0.72 10.44 -18.48
CA VAL B 190 1.70 10.99 -17.55
C VAL B 190 1.25 12.31 -16.96
N THR B 191 1.73 12.61 -15.75
CA THR B 191 1.43 13.86 -15.07
C THR B 191 2.72 14.60 -14.71
N ARG B 192 2.74 15.90 -14.99
CA ARG B 192 3.92 16.72 -14.77
C ARG B 192 3.97 17.31 -13.36
N PHE B 193 5.12 17.16 -12.71
CA PHE B 193 5.39 17.84 -11.44
C PHE B 193 6.83 18.34 -11.42
N LYS B 194 6.98 19.65 -11.26
CA LYS B 194 8.29 20.32 -11.32
C LYS B 194 9.08 19.90 -12.56
N ASP B 195 8.41 19.97 -13.72
CA ASP B 195 8.97 19.60 -15.02
C ASP B 195 9.54 18.18 -15.09
N THR B 196 8.93 17.28 -14.33
CA THR B 196 9.24 15.85 -14.38
C THR B 196 7.93 15.08 -14.54
N TYR B 197 7.92 14.13 -15.47
CA TYR B 197 6.71 13.39 -15.80
C TYR B 197 6.67 12.00 -15.15
N PHE B 198 5.58 11.72 -14.44
CA PHE B 198 5.38 10.45 -13.76
C PHE B 198 4.22 9.68 -14.36
N VAL B 199 4.34 8.35 -14.37
CA VAL B 199 3.26 7.47 -14.84
C VAL B 199 2.07 7.52 -13.88
N THR B 200 0.90 7.85 -14.41
CA THR B 200 -0.32 7.89 -13.59
C THR B 200 -1.41 6.97 -14.12
N GLY B 201 -1.48 6.81 -15.44
CA GLY B 201 -2.54 6.03 -16.08
C GLY B 201 -2.12 5.23 -17.30
N ILE B 202 -2.88 4.18 -17.58
CA ILE B 202 -2.72 3.38 -18.79
C ILE B 202 -4.00 3.56 -19.62
N VAL B 203 -3.84 3.85 -20.91
CA VAL B 203 -4.98 3.98 -21.81
C VAL B 203 -5.72 2.64 -21.87
N SER B 204 -6.96 2.64 -21.39
CA SER B 204 -7.74 1.41 -21.31
C SER B 204 -8.90 1.38 -22.31
N TRP B 205 -9.94 2.19 -22.07
CA TRP B 205 -11.13 2.19 -22.90
C TRP B 205 -11.95 3.48 -22.84
N GLY B 206 -12.92 3.58 -23.74
CA GLY B 206 -13.89 4.68 -23.76
C GLY B 206 -15.01 4.33 -24.71
N GLU B 207 -16.22 4.79 -24.39
CA GLU B 207 -17.38 4.57 -25.26
C GLU B 207 -17.19 5.37 -26.55
N GLY B 208 -16.66 4.69 -27.56
CA GLY B 208 -16.22 5.35 -28.80
C GLY B 208 -15.05 6.26 -28.52
N CYS B 209 -14.96 7.35 -29.26
CA CYS B 209 -13.90 8.34 -29.10
C CYS B 209 -14.44 9.75 -29.27
N ALA B 210 -14.13 10.61 -28.30
CA ALA B 210 -14.49 12.04 -28.31
C ALA B 210 -16.01 12.31 -28.36
N ARG B 211 -16.80 11.40 -27.81
CA ARG B 211 -18.26 11.56 -27.75
C ARG B 211 -18.65 12.56 -26.66
N LYS B 212 -19.71 13.32 -26.92
CA LYS B 212 -20.23 14.29 -25.95
C LYS B 212 -20.78 13.56 -24.72
N GLY B 213 -20.38 14.02 -23.54
CA GLY B 213 -20.81 13.42 -22.28
C GLY B 213 -20.12 12.11 -21.94
N LYS B 214 -18.99 11.84 -22.58
CA LYS B 214 -18.20 10.63 -22.34
C LYS B 214 -16.74 10.99 -22.12
N TYR B 215 -16.02 10.16 -21.38
CA TYR B 215 -14.62 10.42 -21.05
C TYR B 215 -13.70 9.24 -21.35
N GLY B 216 -12.40 9.52 -21.38
CA GLY B 216 -11.39 8.46 -21.46
C GLY B 216 -11.22 7.79 -20.12
N ILE B 217 -11.31 6.45 -20.11
CA ILE B 217 -11.15 5.66 -18.90
C ILE B 217 -9.75 5.06 -18.88
N TYR B 218 -9.04 5.30 -17.78
CA TYR B 218 -7.64 4.90 -17.66
C TYR B 218 -7.41 4.01 -16.45
N THR B 219 -6.54 3.00 -16.64
CA THR B 219 -6.12 2.12 -15.56
C THR B 219 -5.36 2.95 -14.52
N LYS B 220 -5.86 2.96 -13.29
CA LYS B 220 -5.23 3.67 -12.19
C LYS B 220 -3.95 2.93 -11.79
N VAL B 221 -2.82 3.37 -12.33
CA VAL B 221 -1.52 2.71 -12.15
C VAL B 221 -1.08 2.71 -10.68
N THR B 222 -1.55 3.68 -9.92
CA THR B 222 -1.20 3.83 -8.50
C THR B 222 -1.70 2.66 -7.64
N ALA B 223 -2.77 2.01 -8.10
CA ALA B 223 -3.32 0.84 -7.42
C ALA B 223 -2.52 -0.44 -7.72
N PHE B 224 -1.50 -0.31 -8.57
CA PHE B 224 -0.72 -1.47 -9.02
C PHE B 224 0.79 -1.30 -8.85
N LEU B 225 1.20 -0.28 -8.10
CA LEU B 225 2.62 0.07 -7.98
C LEU B 225 3.46 -1.01 -7.30
N LYS B 226 2.91 -1.66 -6.28
CA LYS B 226 3.56 -2.81 -5.64
C LYS B 226 3.63 -4.01 -6.57
N TRP B 227 2.58 -4.19 -7.37
CA TRP B 227 2.48 -5.30 -8.33
C TRP B 227 3.53 -5.18 -9.45
N ILE B 228 3.73 -3.96 -9.95
CA ILE B 228 4.75 -3.69 -10.97
C ILE B 228 6.15 -3.80 -10.39
N ASP B 229 6.31 -3.37 -9.14
CA ASP B 229 7.59 -3.43 -8.43
C ASP B 229 8.08 -4.88 -8.29
N ARG B 230 7.14 -5.77 -8.00
CA ARG B 230 7.43 -7.20 -7.88
C ARG B 230 7.86 -7.79 -9.22
N SER B 231 7.29 -7.28 -10.31
CA SER B 231 7.58 -7.74 -11.66
C SER B 231 8.99 -7.36 -12.12
N MET B 232 9.46 -6.21 -11.65
CA MET B 232 10.75 -5.65 -12.09
C MET B 232 11.95 -6.24 -11.34
N LYS B 233 11.94 -7.55 -11.16
CA LYS B 233 13.06 -8.28 -10.56
C LYS B 233 13.48 -9.49 -11.41
N THR B 234 12.49 -10.27 -11.85
CA THR B 234 12.73 -11.44 -12.71
C THR B 234 11.92 -11.38 -14.00
N ARG B 235 12.17 -12.13 -14.94
N ARG C 43 -15.73 -10.38 -8.16
CA ARG C 43 -14.42 -10.62 -7.48
C ARG C 43 -13.91 -12.04 -7.75
N LYS C 44 -12.59 -12.21 -7.80
CA LYS C 44 -11.98 -13.46 -8.24
C LYS C 44 -10.91 -13.99 -7.28
N LEU C 45 -10.83 -15.31 -7.17
CA LEU C 45 -9.76 -16.03 -6.44
C LEU C 45 -9.64 -15.62 -4.97
N CYS C 46 -8.59 -14.87 -4.62
CA CYS C 46 -8.38 -14.42 -3.24
C CYS C 46 -9.39 -13.37 -2.80
N SER C 47 -9.87 -12.57 -3.76
CA SER C 47 -10.87 -11.55 -3.48
C SER C 47 -12.26 -12.15 -3.29
N LEU C 48 -12.43 -13.38 -3.77
CA LEU C 48 -13.69 -14.10 -3.63
C LEU C 48 -13.60 -15.16 -2.52
N ASP C 49 -14.20 -14.83 -1.38
CA ASP C 49 -14.28 -15.72 -0.21
C ASP C 49 -12.90 -16.14 0.33
N ASN C 50 -11.93 -15.22 0.23
CA ASN C 50 -10.54 -15.45 0.66
C ASN C 50 -9.87 -16.67 0.01
N GLY C 51 -10.45 -17.13 -1.10
CA GLY C 51 -9.91 -18.27 -1.85
C GLY C 51 -10.05 -19.58 -1.13
N ASP C 52 -11.05 -19.67 -0.25
CA ASP C 52 -11.33 -20.86 0.57
C ASP C 52 -10.24 -21.11 1.63
N CYS C 53 -9.26 -20.22 1.70
CA CYS C 53 -8.16 -20.32 2.65
C CYS C 53 -8.59 -19.99 4.06
N ASP C 54 -8.01 -20.69 5.03
CA ASP C 54 -8.21 -20.38 6.45
C ASP C 54 -7.53 -19.06 6.83
N GLN C 55 -6.30 -18.88 6.35
CA GLN C 55 -5.52 -17.69 6.67
C GLN C 55 -5.09 -16.93 5.41
N PHE C 56 -3.81 -16.99 5.07
CA PHE C 56 -3.24 -16.17 4.00
C PHE C 56 -3.63 -16.66 2.61
N CYS C 57 -3.85 -15.70 1.71
CA CYS C 57 -4.17 -15.98 0.31
C CYS C 57 -3.32 -15.11 -0.60
N HIS C 58 -2.70 -15.74 -1.60
CA HIS C 58 -2.02 -15.03 -2.67
C HIS C 58 -2.18 -15.76 -4.01
N GLU C 59 -2.02 -15.04 -5.10
CA GLU C 59 -2.28 -15.58 -6.43
C GLU C 59 -1.01 -15.70 -7.26
N GLU C 60 -0.62 -16.93 -7.57
CA GLU C 60 0.48 -17.21 -8.49
C GLU C 60 -0.01 -18.08 -9.65
N GLN C 61 0.19 -17.58 -10.87
CA GLN C 61 -0.31 -18.21 -12.10
C GLN C 61 -1.76 -18.70 -11.94
N ASN C 62 -2.66 -17.73 -11.78
CA ASN C 62 -4.09 -17.98 -11.60
C ASN C 62 -4.45 -18.66 -10.27
N SER C 63 -4.16 -19.96 -10.18
CA SER C 63 -4.58 -20.80 -9.05
C SER C 63 -4.21 -20.24 -7.67
N VAL C 64 -5.16 -20.36 -6.74
CA VAL C 64 -5.03 -19.86 -5.37
C VAL C 64 -4.02 -20.69 -4.56
N VAL C 65 -3.16 -19.99 -3.82
CA VAL C 65 -2.26 -20.64 -2.86
C VAL C 65 -2.57 -20.17 -1.45
N CYS C 66 -3.02 -21.11 -0.62
CA CYS C 66 -3.28 -20.83 0.78
C CYS C 66 -2.06 -21.17 1.63
N SER C 67 -1.78 -20.34 2.63
CA SER C 67 -0.67 -20.58 3.54
C SER C 67 -1.05 -20.23 4.98
N CYS C 68 -0.35 -20.87 5.93
CA CYS C 68 -0.62 -20.68 7.35
C CYS C 68 0.57 -20.02 8.06
N ALA C 69 0.29 -19.37 9.18
CA ALA C 69 1.32 -18.76 10.02
C ALA C 69 2.07 -19.80 10.84
N ARG C 70 3.03 -19.34 11.64
CA ARG C 70 3.82 -20.22 12.51
C ARG C 70 2.92 -20.87 13.55
N GLY C 71 3.18 -22.14 13.85
CA GLY C 71 2.35 -22.88 14.80
C GLY C 71 1.23 -23.66 14.14
N TYR C 72 1.05 -23.43 12.83
CA TYR C 72 0.08 -24.17 12.03
C TYR C 72 0.78 -24.94 10.91
N THR C 73 0.08 -25.93 10.36
CA THR C 73 0.50 -26.61 9.13
C THR C 73 -0.68 -26.68 8.16
N LEU C 74 -0.39 -26.49 6.88
CA LEU C 74 -1.41 -26.52 5.83
C LEU C 74 -1.97 -27.93 5.65
N ALA C 75 -3.29 -28.05 5.68
CA ALA C 75 -3.97 -29.34 5.57
C ALA C 75 -3.83 -29.96 4.19
N ASP C 76 -4.12 -31.25 4.10
CA ASP C 76 -3.99 -32.01 2.85
C ASP C 76 -4.86 -31.49 1.70
N ASN C 77 -5.89 -30.71 2.05
CA ASN C 77 -6.72 -30.05 1.04
C ASN C 77 -6.11 -28.75 0.53
N GLY C 78 -5.05 -28.29 1.20
CA GLY C 78 -4.30 -27.09 0.81
C GLY C 78 -5.01 -25.78 1.07
N LYS C 79 -5.92 -25.78 2.04
CA LYS C 79 -6.71 -24.59 2.37
C LYS C 79 -6.79 -24.36 3.88
N ALA C 80 -6.97 -25.46 4.62
CA ALA C 80 -7.17 -25.39 6.07
C ALA C 80 -5.86 -25.32 6.86
N CYS C 81 -5.92 -24.64 8.00
CA CYS C 81 -4.77 -24.52 8.89
C CYS C 81 -4.92 -25.37 10.15
N ILE C 82 -4.03 -26.35 10.28
CA ILE C 82 -4.06 -27.30 11.39
C ILE C 82 -2.95 -26.98 12.38
N PRO C 83 -3.30 -26.78 13.67
CA PRO C 83 -2.31 -26.50 14.72
C PRO C 83 -1.28 -27.63 14.85
N THR C 84 0.00 -27.25 14.92
CA THR C 84 1.09 -28.22 15.02
C THR C 84 1.29 -28.74 16.45
N GLY C 85 0.69 -28.05 17.41
CA GLY C 85 0.76 -28.42 18.82
C GLY C 85 -0.32 -27.75 19.66
N PRO C 86 -0.14 -27.72 20.98
CA PRO C 86 -1.11 -27.06 21.84
C PRO C 86 -0.98 -25.54 21.78
N TYR C 87 -2.13 -24.85 21.83
CA TYR C 87 -2.21 -23.39 21.85
C TYR C 87 -1.53 -22.69 20.66
N PRO C 88 -2.10 -22.83 19.44
CA PRO C 88 -1.59 -22.08 18.29
C PRO C 88 -1.90 -20.59 18.40
N CYS C 89 -1.26 -19.78 17.56
CA CYS C 89 -1.47 -18.33 17.59
C CYS C 89 -2.88 -17.94 17.17
N GLY C 90 -3.36 -16.83 17.71
CA GLY C 90 -4.66 -16.27 17.34
C GLY C 90 -5.86 -16.90 18.02
N LYS C 91 -5.68 -18.08 18.58
CA LYS C 91 -6.79 -18.81 19.20
C LYS C 91 -6.99 -18.43 20.66
N GLN C 92 -8.25 -18.16 21.02
CA GLN C 92 -8.63 -17.90 22.41
C GLN C 92 -8.59 -19.21 23.19
N THR C 93 -7.90 -19.19 24.33
CA THR C 93 -7.64 -20.41 25.10
C THR C 93 -8.80 -20.79 26.01
N LEU C 94 -9.51 -21.85 25.63
CA LEU C 94 -10.61 -22.37 26.43
C LEU C 94 -10.14 -23.49 27.37
N GLU C 95 -9.19 -24.28 26.91
CA GLU C 95 -8.62 -25.37 27.70
C GLU C 95 -7.46 -24.86 28.56
N ARG C 96 -7.45 -25.07 29.78
N ILE D 1 -8.87 1.09 29.74
CA ILE D 1 -9.79 1.30 28.59
C ILE D 1 -11.11 1.95 29.03
N VAL D 2 -11.48 3.03 28.33
CA VAL D 2 -12.74 3.72 28.57
C VAL D 2 -13.88 2.90 27.96
N GLY D 3 -14.85 2.54 28.81
CA GLY D 3 -15.97 1.70 28.40
C GLY D 3 -15.54 0.27 28.14
N GLY D 4 -16.30 -0.43 27.31
CA GLY D 4 -15.97 -1.80 26.92
C GLY D 4 -16.21 -2.85 27.98
N GLN D 5 -15.75 -4.06 27.70
CA GLN D 5 -15.94 -5.22 28.58
C GLN D 5 -14.57 -5.79 28.99
N GLU D 6 -14.52 -6.47 30.13
CA GLU D 6 -13.26 -7.07 30.58
C GLU D 6 -13.03 -8.46 29.97
N CYS D 7 -11.76 -8.78 29.71
CA CYS D 7 -11.38 -10.08 29.16
C CYS D 7 -11.67 -11.19 30.15
N LYS D 8 -12.28 -12.27 29.67
CA LYS D 8 -12.59 -13.42 30.52
C LYS D 8 -11.43 -14.41 30.51
N ASP D 9 -11.68 -15.65 30.95
CA ASP D 9 -10.67 -16.69 30.93
C ASP D 9 -10.26 -17.05 29.50
N GLY D 10 -9.04 -16.66 29.13
CA GLY D 10 -8.45 -17.00 27.84
C GLY D 10 -9.04 -16.26 26.66
N GLU D 11 -9.56 -15.07 26.89
CA GLU D 11 -10.11 -14.23 25.84
C GLU D 11 -9.05 -13.29 25.26
N CYS D 12 -8.13 -12.86 26.12
CA CYS D 12 -7.03 -11.99 25.72
C CYS D 12 -5.69 -12.61 26.17
N PRO D 13 -5.32 -13.76 25.57
CA PRO D 13 -4.14 -14.49 26.04
C PRO D 13 -2.80 -13.90 25.56
N TRP D 14 -2.85 -13.10 24.51
CA TRP D 14 -1.67 -12.46 23.92
C TRP D 14 -1.17 -11.26 24.73
N GLN D 15 -1.96 -10.82 25.71
CA GLN D 15 -1.65 -9.64 26.50
C GLN D 15 -0.46 -9.84 27.46
N ALA D 16 0.50 -8.92 27.37
CA ALA D 16 1.60 -8.86 28.31
C ALA D 16 1.56 -7.55 29.08
N LEU D 17 2.10 -7.56 30.30
CA LEU D 17 2.14 -6.36 31.13
C LEU D 17 3.56 -6.05 31.58
N LEU D 18 4.10 -4.94 31.10
CA LEU D 18 5.45 -4.52 31.44
C LEU D 18 5.41 -3.84 32.80
N ILE D 19 6.14 -4.41 33.76
CA ILE D 19 6.11 -3.95 35.14
C ILE D 19 7.44 -3.35 35.58
N ASN D 20 7.36 -2.28 36.36
CA ASN D 20 8.57 -1.60 36.85
C ASN D 20 9.14 -2.26 38.12
N GLU D 21 10.11 -1.59 38.73
CA GLU D 21 10.78 -2.07 39.95
C GLU D 21 9.84 -2.22 41.15
N GLU D 22 8.76 -1.44 41.17
CA GLU D 22 7.77 -1.50 42.26
C GLU D 22 6.68 -2.55 41.99
N ASN D 23 6.82 -3.28 40.89
CA ASN D 23 5.82 -4.27 40.43
C ASN D 23 4.50 -3.61 39.99
N GLU D 24 4.61 -2.47 39.32
CA GLU D 24 3.44 -1.78 38.77
C GLU D 24 3.54 -1.69 37.25
N GLY D 25 2.45 -2.09 36.59
CA GLY D 25 2.37 -2.06 35.14
C GLY D 25 2.09 -0.67 34.61
N PHE D 26 2.93 -0.21 33.68
CA PHE D 26 2.78 1.12 33.09
C PHE D 26 2.42 1.09 31.60
N CYS D 27 2.62 -0.07 30.97
CA CYS D 27 2.32 -0.28 29.55
C CYS D 27 2.00 -1.74 29.26
N GLY D 28 1.25 -1.97 28.19
CA GLY D 28 0.91 -3.32 27.74
C GLY D 28 1.88 -3.88 26.71
N GLY D 29 1.58 -5.07 26.20
CA GLY D 29 2.41 -5.73 25.19
C GLY D 29 1.73 -6.93 24.57
N THR D 30 2.21 -7.32 23.37
CA THR D 30 1.66 -8.47 22.66
C THR D 30 2.67 -9.61 22.60
N ILE D 31 2.24 -10.80 23.00
CA ILE D 31 3.06 -12.01 22.88
C ILE D 31 3.07 -12.42 21.40
N LEU D 32 4.27 -12.45 20.83
CA LEU D 32 4.45 -12.89 19.44
C LEU D 32 4.79 -14.38 19.38
N SER D 33 5.58 -14.84 20.34
CA SER D 33 5.96 -16.24 20.45
C SER D 33 6.56 -16.50 21.84
N GLU D 34 7.31 -17.60 21.98
CA GLU D 34 7.89 -17.99 23.26
C GLU D 34 8.97 -17.02 23.76
N PHE D 35 9.72 -16.43 22.83
CA PHE D 35 10.84 -15.58 23.21
C PHE D 35 10.64 -14.09 22.97
N TYR D 36 9.65 -13.73 22.16
CA TYR D 36 9.50 -12.34 21.71
C TYR D 36 8.17 -11.67 22.06
N ILE D 37 8.26 -10.43 22.51
CA ILE D 37 7.12 -9.60 22.88
C ILE D 37 7.13 -8.31 22.06
N LEU D 38 5.98 -7.92 21.52
CA LEU D 38 5.84 -6.67 20.79
C LEU D 38 5.23 -5.57 21.65
N THR D 39 5.84 -4.38 21.61
CA THR D 39 5.38 -3.23 22.40
C THR D 39 5.72 -1.90 21.71
N ALA D 40 5.31 -0.79 22.32
CA ALA D 40 5.59 0.55 21.79
C ALA D 40 6.92 1.08 22.29
N ALA D 41 7.57 1.90 21.46
CA ALA D 41 8.88 2.46 21.77
C ALA D 41 8.86 3.49 22.89
N HIS D 42 7.79 4.28 22.97
CA HIS D 42 7.69 5.38 23.94
C HIS D 42 7.57 4.94 25.41
N CYS D 43 7.20 3.68 25.62
CA CYS D 43 7.05 3.12 26.97
C CYS D 43 8.38 2.85 27.67
N LEU D 44 9.44 2.67 26.88
CA LEU D 44 10.72 2.19 27.38
C LEU D 44 11.57 3.24 28.11
N TYR D 45 11.07 4.48 28.16
CA TYR D 45 11.78 5.57 28.86
C TYR D 45 10.95 6.09 30.04
N GLN D 46 10.02 5.27 30.51
CA GLN D 46 9.22 5.59 31.68
C GLN D 46 9.67 4.80 32.90
N ALA D 47 10.69 3.96 32.71
CA ALA D 47 11.27 3.14 33.77
C ALA D 47 12.74 2.81 33.49
N LYS D 48 13.53 2.68 34.55
CA LYS D 48 14.93 2.30 34.43
C LYS D 48 15.10 0.79 34.25
N ARG D 49 14.22 0.03 34.91
CA ARG D 49 14.27 -1.43 34.89
C ARG D 49 12.83 -1.95 34.81
N PHE D 50 12.59 -2.87 33.88
CA PHE D 50 11.24 -3.42 33.69
C PHE D 50 11.20 -4.91 33.32
N LYS D 51 10.19 -5.60 33.84
CA LYS D 51 9.97 -7.03 33.56
C LYS D 51 8.67 -7.22 32.77
N VAL D 52 8.45 -8.43 32.27
CA VAL D 52 7.23 -8.75 31.52
C VAL D 52 6.35 -9.78 32.25
N ARG D 53 5.11 -9.39 32.56
CA ARG D 53 4.13 -10.29 33.14
C ARG D 53 3.24 -10.93 32.09
N VAL D 54 3.01 -12.23 32.22
CA VAL D 54 2.09 -12.95 31.33
C VAL D 54 1.02 -13.71 32.14
N GLY D 55 -0.18 -13.81 31.56
CA GLY D 55 -1.30 -14.48 32.21
C GLY D 55 -1.92 -13.67 33.33
N ASP D 56 -1.76 -12.36 33.26
CA ASP D 56 -2.26 -11.44 34.28
C ASP D 56 -3.56 -10.79 33.84
N ARG D 57 -4.62 -11.02 34.61
CA ARG D 57 -5.94 -10.44 34.34
C ARG D 57 -6.44 -9.64 35.54
N ASN D 58 -5.76 -9.80 36.68
CA ASN D 58 -6.09 -9.06 37.89
C ASN D 58 -4.82 -8.68 38.65
N THR D 59 -4.61 -7.38 38.82
CA THR D 59 -3.38 -6.86 39.46
C THR D 59 -3.43 -6.92 40.99
N GLU D 60 -4.63 -6.81 41.56
CA GLU D 60 -4.81 -6.79 43.02
C GLU D 60 -4.73 -8.18 43.67
N GLN D 61 -4.51 -9.21 42.86
CA GLN D 61 -4.47 -10.60 43.34
C GLN D 61 -3.54 -11.45 42.46
N GLU D 62 -3.63 -12.77 42.60
CA GLU D 62 -2.84 -13.70 41.80
C GLU D 62 -3.72 -14.68 41.02
N GLU D 63 -3.19 -15.21 39.92
CA GLU D 63 -3.88 -16.21 39.10
C GLU D 63 -3.03 -17.45 38.94
N GLY D 64 -3.67 -18.55 38.52
CA GLY D 64 -2.98 -19.83 38.32
C GLY D 64 -2.12 -19.89 37.08
N GLY D 65 -2.02 -18.77 36.37
CA GLY D 65 -1.20 -18.68 35.16
C GLY D 65 -0.34 -17.44 35.08
N GLU D 66 -0.06 -16.85 36.24
CA GLU D 66 0.83 -15.69 36.33
C GLU D 66 2.27 -16.13 36.14
N ALA D 67 3.03 -15.35 35.37
CA ALA D 67 4.47 -15.58 35.20
C ALA D 67 5.21 -14.30 34.83
N VAL D 68 6.40 -14.14 35.42
CA VAL D 68 7.26 -13.01 35.13
C VAL D 68 8.38 -13.47 34.20
N HIS D 69 8.90 -12.55 33.39
CA HIS D 69 10.01 -12.83 32.48
C HIS D 69 10.96 -11.64 32.38
N GLU D 70 12.26 -11.92 32.40
CA GLU D 70 13.29 -10.90 32.22
C GLU D 70 13.58 -10.68 30.75
N VAL D 71 13.84 -9.42 30.39
CA VAL D 71 14.16 -9.09 29.00
C VAL D 71 15.67 -9.10 28.78
N GLU D 72 16.09 -9.90 27.80
CA GLU D 72 17.49 -10.02 27.41
C GLU D 72 17.92 -8.86 26.51
N VAL D 73 17.17 -8.67 25.42
CA VAL D 73 17.47 -7.64 24.42
C VAL D 73 16.24 -6.77 24.16
N VAL D 74 16.45 -5.46 24.02
CA VAL D 74 15.37 -4.54 23.70
C VAL D 74 15.54 -3.97 22.28
N ILE D 75 15.13 -4.76 21.28
CA ILE D 75 15.23 -4.31 19.89
C ILE D 75 14.17 -3.24 19.60
N LYS D 76 14.59 -1.99 19.86
CA LYS D 76 13.75 -0.81 19.69
C LYS D 76 14.15 -0.11 18.40
N HIS D 77 13.18 0.53 17.75
CA HIS D 77 13.42 1.19 16.47
C HIS D 77 14.16 2.52 16.65
N ASN D 78 15.24 2.68 15.89
CA ASN D 78 16.12 3.84 16.00
C ASN D 78 15.53 5.15 15.48
N ARG D 79 14.59 5.04 14.55
CA ARG D 79 13.97 6.21 13.93
C ARG D 79 12.81 6.77 14.75
N PHE D 80 12.57 6.20 15.93
CA PHE D 80 11.53 6.72 16.83
C PHE D 80 11.87 8.10 17.36
N THR D 81 10.84 8.94 17.47
CA THR D 81 10.97 10.29 18.00
C THR D 81 9.68 10.72 18.72
N LYS D 82 9.84 11.19 19.96
CA LYS D 82 8.73 11.42 20.87
C LYS D 82 7.90 12.68 20.59
N GLU D 83 8.35 13.51 19.66
CA GLU D 83 7.65 14.75 19.31
C GLU D 83 6.35 14.49 18.56
N THR D 84 6.32 13.42 17.76
CA THR D 84 5.12 13.03 17.01
C THR D 84 4.70 11.59 17.30
N TYR D 85 5.61 10.82 17.91
CA TYR D 85 5.42 9.39 18.18
C TYR D 85 5.43 8.54 16.90
N ASP D 86 6.22 8.99 15.92
CA ASP D 86 6.42 8.23 14.70
C ASP D 86 7.44 7.12 14.93
N PHE D 87 7.26 6.00 14.24
CA PHE D 87 8.07 4.78 14.44
C PHE D 87 7.95 4.27 15.88
N ASP D 88 6.73 4.21 16.39
CA ASP D 88 6.47 3.82 17.77
C ASP D 88 6.28 2.30 17.88
N ILE D 89 7.39 1.58 17.76
CA ILE D 89 7.39 0.11 17.78
C ILE D 89 8.70 -0.43 18.36
N ALA D 90 8.56 -1.36 19.30
CA ALA D 90 9.69 -2.00 19.96
C ALA D 90 9.49 -3.51 20.06
N VAL D 91 10.59 -4.25 19.99
CA VAL D 91 10.58 -5.70 20.11
C VAL D 91 11.42 -6.12 21.32
N LEU D 92 10.85 -6.98 22.15
CA LEU D 92 11.53 -7.44 23.35
C LEU D 92 11.87 -8.92 23.24
N ARG D 93 13.13 -9.26 23.49
CA ARG D 93 13.54 -10.65 23.61
C ARG D 93 13.72 -11.01 25.08
N LEU D 94 13.10 -12.10 25.49
CA LEU D 94 13.20 -12.58 26.87
C LEU D 94 14.33 -13.59 27.02
N LYS D 95 14.79 -13.77 28.25
CA LYS D 95 15.82 -14.76 28.56
C LYS D 95 15.25 -16.17 28.54
N THR D 96 14.02 -16.31 29.04
CA THR D 96 13.36 -17.61 29.16
C THR D 96 12.07 -17.66 28.34
N PRO D 97 11.79 -18.82 27.71
CA PRO D 97 10.60 -18.98 26.87
C PRO D 97 9.29 -19.02 27.66
N ILE D 98 8.24 -18.40 27.11
CA ILE D 98 6.92 -18.39 27.72
C ILE D 98 6.23 -19.73 27.47
N THR D 99 5.72 -20.33 28.54
CA THR D 99 4.91 -21.55 28.42
C THR D 99 3.47 -21.16 28.16
N PHE D 100 2.92 -21.69 27.06
CA PHE D 100 1.55 -21.40 26.68
C PHE D 100 0.56 -22.30 27.40
N ARG D 101 -0.46 -21.69 27.98
CA ARG D 101 -1.54 -22.39 28.66
C ARG D 101 -2.82 -21.55 28.57
N MET D 102 -3.74 -21.75 29.51
CA MET D 102 -4.89 -20.86 29.69
C MET D 102 -4.37 -19.43 29.85
N ASN D 103 -5.10 -18.46 29.30
CA ASN D 103 -4.78 -17.03 29.41
C ASN D 103 -3.42 -16.60 28.82
N VAL D 104 -2.69 -17.55 28.22
CA VAL D 104 -1.36 -17.28 27.67
C VAL D 104 -1.15 -17.96 26.32
N ALA D 105 -1.16 -17.16 25.25
CA ALA D 105 -0.97 -17.64 23.88
C ALA D 105 -0.59 -16.48 22.97
N PRO D 106 0.25 -16.74 21.95
CA PRO D 106 0.61 -15.64 21.06
C PRO D 106 -0.50 -15.33 20.05
N ALA D 107 -0.50 -14.09 19.56
CA ALA D 107 -1.35 -13.72 18.44
C ALA D 107 -0.53 -13.84 17.16
N CYS D 108 -1.17 -14.22 16.07
CA CYS D 108 -0.47 -14.44 14.81
C CYS D 108 0.03 -13.15 14.19
N LEU D 109 1.26 -13.19 13.68
CA LEU D 109 1.77 -12.14 12.83
C LEU D 109 1.29 -12.40 11.41
N PRO D 110 0.55 -11.44 10.83
CA PRO D 110 0.02 -11.65 9.48
C PRO D 110 1.09 -11.38 8.42
N GLU D 111 0.77 -11.70 7.17
CA GLU D 111 1.65 -11.38 6.06
C GLU D 111 1.25 -10.06 5.41
N ARG D 112 2.25 -9.29 5.01
CA ARG D 112 2.12 -7.88 4.63
C ARG D 112 0.98 -7.57 3.67
N ASP D 113 0.93 -8.28 2.54
CA ASP D 113 -0.03 -7.99 1.48
C ASP D 113 -1.42 -8.50 1.80
N TRP D 114 -1.51 -9.64 2.48
CA TRP D 114 -2.80 -10.19 2.89
C TRP D 114 -3.44 -9.36 4.00
N ALA D 115 -2.63 -8.84 4.91
CA ALA D 115 -3.12 -8.03 6.03
C ALA D 115 -3.77 -6.74 5.54
N GLU D 116 -3.12 -6.07 4.60
CA GLU D 116 -3.62 -4.82 4.01
C GLU D 116 -4.87 -5.05 3.16
N SER D 117 -4.96 -6.22 2.53
CA SER D 117 -6.07 -6.55 1.64
C SER D 117 -7.30 -7.10 2.38
N THR D 118 -7.06 -7.87 3.44
CA THR D 118 -8.13 -8.57 4.13
C THR D 118 -8.39 -8.05 5.55
N LEU D 119 -7.35 -8.00 6.38
CA LEU D 119 -7.47 -7.59 7.78
C LEU D 119 -7.77 -6.10 7.95
N MET D 120 -7.06 -5.27 7.20
CA MET D 120 -7.24 -3.82 7.26
C MET D 120 -8.61 -3.40 6.73
N THR D 121 -9.14 -4.17 5.78
CA THR D 121 -10.46 -3.89 5.19
C THR D 121 -11.63 -4.40 6.04
N GLN D 122 -11.32 -5.01 7.19
CA GLN D 122 -12.35 -5.44 8.14
C GLN D 122 -13.04 -4.23 8.76
N LYS D 123 -14.20 -4.47 9.37
CA LYS D 123 -14.99 -3.40 9.96
C LYS D 123 -14.43 -2.92 11.30
N THR D 124 -14.03 -3.87 12.15
CA THR D 124 -13.53 -3.55 13.49
C THR D 124 -12.28 -4.33 13.88
N GLY D 125 -11.63 -3.89 14.96
CA GLY D 125 -10.54 -4.61 15.60
C GLY D 125 -10.77 -4.64 17.10
N ILE D 126 -9.95 -5.37 17.84
CA ILE D 126 -10.07 -5.44 19.30
C ILE D 126 -8.79 -4.99 20.01
N VAL D 127 -8.94 -4.06 20.93
CA VAL D 127 -7.84 -3.58 21.78
C VAL D 127 -8.07 -3.94 23.24
N SER D 128 -6.98 -4.21 23.96
CA SER D 128 -7.06 -4.58 25.37
C SER D 128 -6.02 -3.84 26.22
N GLY D 129 -6.09 -4.01 27.54
CA GLY D 129 -5.09 -3.43 28.44
C GLY D 129 -5.54 -3.11 29.85
N PHE D 130 -4.56 -2.84 30.71
CA PHE D 130 -4.79 -2.45 32.10
C PHE D 130 -4.81 -0.94 32.28
N GLY D 131 -5.08 -0.22 31.20
CA GLY D 131 -5.02 1.24 31.19
C GLY D 131 -6.11 1.92 31.99
N ARG D 132 -6.14 3.24 31.92
CA ARG D 132 -7.11 4.06 32.63
C ARG D 132 -8.53 3.82 32.11
N THR D 133 -9.51 3.90 33.01
CA THR D 133 -10.92 3.80 32.63
C THR D 133 -11.47 5.17 32.25
N HIS D 134 -10.82 6.22 32.74
CA HIS D 134 -11.15 7.60 32.40
C HIS D 134 -9.87 8.37 32.08
N GLU D 135 -9.99 9.40 31.25
CA GLU D 135 -8.83 10.22 30.86
C GLU D 135 -8.03 10.72 32.06
N LYS D 136 -8.76 11.17 33.09
CA LYS D 136 -8.17 11.68 34.32
C LYS D 136 -8.18 10.62 35.42
N GLY D 137 -8.77 9.46 35.11
CA GLY D 137 -9.00 8.41 36.10
C GLY D 137 -7.78 7.58 36.47
N ARG D 138 -8.01 6.56 37.28
CA ARG D 138 -6.97 5.62 37.69
C ARG D 138 -6.97 4.41 36.75
N GLN D 139 -5.85 3.69 36.73
CA GLN D 139 -5.73 2.50 35.87
C GLN D 139 -6.61 1.35 36.36
N SER D 140 -7.10 0.56 35.40
CA SER D 140 -7.96 -0.59 35.69
C SER D 140 -7.16 -1.72 36.33
N THR D 141 -7.74 -2.31 37.37
CA THR D 141 -7.15 -3.46 38.05
C THR D 141 -7.43 -4.76 37.27
N ARG D 142 -8.43 -4.70 36.40
CA ARG D 142 -8.80 -5.82 35.55
C ARG D 142 -8.40 -5.57 34.11
N LEU D 143 -8.07 -6.65 33.40
CA LEU D 143 -7.77 -6.59 31.98
C LEU D 143 -9.06 -6.40 31.19
N LYS D 144 -9.13 -5.30 30.44
CA LYS D 144 -10.33 -4.95 29.68
C LYS D 144 -10.08 -4.98 28.17
N MET D 145 -11.10 -5.36 27.42
CA MET D 145 -11.06 -5.32 25.95
C MET D 145 -12.11 -4.38 25.39
N LEU D 146 -11.86 -3.88 24.18
CA LEU D 146 -12.82 -3.02 23.49
C LEU D 146 -12.75 -3.22 21.97
N GLU D 147 -13.91 -3.34 21.35
CA GLU D 147 -14.00 -3.42 19.90
C GLU D 147 -13.99 -2.02 19.30
N VAL D 148 -12.94 -1.72 18.54
CA VAL D 148 -12.81 -0.43 17.86
C VAL D 148 -12.90 -0.57 16.35
N PRO D 149 -13.84 0.17 15.71
CA PRO D 149 -13.99 0.13 14.26
C PRO D 149 -12.90 0.92 13.54
N TYR D 150 -12.46 0.41 12.39
CA TYR D 150 -11.49 1.10 11.54
C TYR D 150 -12.07 2.43 11.03
N VAL D 151 -11.43 3.52 11.42
CA VAL D 151 -11.88 4.85 11.01
C VAL D 151 -11.18 5.27 9.71
N ASP D 152 -11.94 5.90 8.83
CA ASP D 152 -11.44 6.43 7.55
C ASP D 152 -10.20 7.31 7.74
N ARG D 153 -9.20 7.09 6.89
CA ARG D 153 -7.93 7.81 6.97
C ARG D 153 -8.09 9.32 6.74
N ASN D 154 -8.95 9.67 5.79
CA ASN D 154 -9.27 11.08 5.52
C ASN D 154 -9.91 11.74 6.74
N SER D 155 -10.85 11.05 7.36
CA SER D 155 -11.52 11.50 8.57
C SER D 155 -10.55 11.60 9.75
N CYS D 156 -9.58 10.69 9.77
CA CYS D 156 -8.53 10.70 10.79
C CYS D 156 -7.56 11.85 10.59
N LYS D 157 -7.22 12.14 9.33
CA LYS D 157 -6.32 13.23 8.99
C LYS D 157 -6.93 14.61 9.24
N LEU D 158 -8.24 14.72 9.12
CA LEU D 158 -8.95 16.00 9.31
C LEU D 158 -9.20 16.33 10.78
N SER D 159 -9.50 15.30 11.58
CA SER D 159 -9.85 15.48 12.99
C SER D 159 -8.63 15.78 13.87
N SER D 160 -7.48 15.26 13.46
CA SER D 160 -6.25 15.35 14.25
C SER D 160 -5.60 16.73 14.19
N SER D 161 -5.06 17.17 15.33
CA SER D 161 -4.28 18.41 15.40
C SER D 161 -2.78 18.10 15.29
N PHE D 162 -2.45 16.81 15.29
CA PHE D 162 -1.08 16.35 15.10
C PHE D 162 -1.01 15.48 13.84
N ILE D 163 0.07 15.63 13.08
CA ILE D 163 0.25 14.92 11.82
C ILE D 163 0.24 13.38 12.00
N ILE D 164 -0.61 12.72 11.22
CA ILE D 164 -0.71 11.26 11.20
C ILE D 164 0.14 10.71 10.06
N THR D 165 1.24 10.06 10.43
CA THR D 165 2.19 9.51 9.46
C THR D 165 1.65 8.25 8.78
N GLN D 166 2.41 7.74 7.81
CA GLN D 166 2.09 6.49 7.12
C GLN D 166 2.18 5.28 8.05
N ASN D 167 2.86 5.44 9.17
CA ASN D 167 3.04 4.38 10.16
C ASN D 167 2.00 4.43 11.28
N MET D 168 0.89 5.12 11.03
CA MET D 168 -0.18 5.29 12.00
C MET D 168 -1.55 5.09 11.35
N PHE D 169 -2.49 4.50 12.10
CA PHE D 169 -3.87 4.36 11.64
C PHE D 169 -4.90 4.61 12.75
N CYS D 170 -6.09 5.06 12.33
CA CYS D 170 -7.17 5.39 13.26
C CYS D 170 -8.14 4.25 13.51
N ALA D 171 -8.55 4.13 14.77
CA ALA D 171 -9.61 3.20 15.18
C ALA D 171 -10.38 3.79 16.35
N GLY D 172 -11.68 3.56 16.37
CA GLY D 172 -12.53 4.03 17.46
C GLY D 172 -13.85 4.63 16.99
N TYR D 173 -14.37 5.55 17.80
CA TYR D 173 -15.68 6.15 17.55
C TYR D 173 -15.60 7.68 17.45
N ASP D 174 -16.63 8.29 16.88
CA ASP D 174 -16.69 9.74 16.71
C ASP D 174 -17.06 10.45 18.01
N THR D 175 -18.17 10.05 18.61
CA THR D 175 -18.70 10.69 19.83
C THR D 175 -18.97 9.69 20.95
N LYS D 176 -19.17 8.43 20.59
CA LYS D 176 -19.43 7.36 21.55
C LYS D 176 -18.24 7.18 22.48
N GLN D 177 -18.44 7.46 23.77
CA GLN D 177 -17.36 7.52 24.75
C GLN D 177 -16.74 6.15 25.08
N GLU D 178 -16.00 5.62 24.11
CA GLU D 178 -15.25 4.38 24.27
C GLU D 178 -13.94 4.44 23.48
N ASP D 179 -12.83 4.27 24.19
CA ASP D 179 -11.49 4.45 23.61
C ASP D 179 -10.45 3.66 24.40
N ALA D 180 -9.19 3.75 23.95
CA ALA D 180 -8.05 3.30 24.74
C ALA D 180 -7.46 4.51 25.47
N CYS D 181 -6.78 4.27 26.58
CA CYS D 181 -6.25 5.35 27.41
C CYS D 181 -4.82 5.07 27.88
N GLN D 182 -4.26 5.96 28.70
CA GLN D 182 -2.91 5.78 29.24
C GLN D 182 -2.82 4.50 30.07
N GLY D 183 -1.79 3.70 29.79
CA GLY D 183 -1.62 2.38 30.41
C GLY D 183 -1.84 1.27 29.41
N ASP D 184 -2.79 1.48 28.50
CA ASP D 184 -3.03 0.56 27.39
C ASP D 184 -1.89 0.65 26.37
N SER D 185 -1.14 1.74 26.45
CA SER D 185 0.02 2.02 25.58
C SER D 185 0.89 0.80 25.36
N GLY D 186 1.23 0.54 24.11
CA GLY D 186 2.09 -0.60 23.75
C GLY D 186 1.34 -1.91 23.64
N GLY D 187 0.05 -1.89 23.97
CA GLY D 187 -0.77 -3.10 24.00
C GLY D 187 -1.25 -3.59 22.65
N PRO D 188 -1.93 -4.75 22.65
CA PRO D 188 -2.32 -5.45 21.43
C PRO D 188 -3.57 -4.89 20.75
N HIS D 189 -3.45 -4.58 19.48
CA HIS D 189 -4.60 -4.31 18.62
C HIS D 189 -4.70 -5.49 17.66
N VAL D 190 -5.76 -6.27 17.81
CA VAL D 190 -5.94 -7.48 17.01
C VAL D 190 -7.16 -7.38 16.09
N THR D 191 -7.15 -8.14 15.00
CA THR D 191 -8.27 -8.20 14.07
C THR D 191 -8.65 -9.65 13.78
N ARG D 192 -9.94 -9.96 13.93
CA ARG D 192 -10.41 -11.34 13.81
C ARG D 192 -10.64 -11.77 12.36
N PHE D 193 -10.26 -13.02 12.07
CA PHE D 193 -10.53 -13.65 10.79
C PHE D 193 -10.65 -15.16 10.95
N LYS D 194 -11.88 -15.65 10.82
CA LYS D 194 -12.21 -17.07 11.00
C LYS D 194 -11.65 -17.65 12.31
N ASP D 195 -12.14 -17.11 13.42
CA ASP D 195 -11.77 -17.55 14.78
C ASP D 195 -10.28 -17.39 15.12
N THR D 196 -9.50 -16.80 14.21
CA THR D 196 -8.08 -16.57 14.43
C THR D 196 -7.79 -15.07 14.44
N TYR D 197 -7.17 -14.61 15.52
CA TYR D 197 -6.85 -13.19 15.70
C TYR D 197 -5.42 -12.90 15.26
N PHE D 198 -5.24 -11.73 14.64
CA PHE D 198 -3.93 -11.31 14.13
C PHE D 198 -3.56 -9.94 14.69
N VAL D 199 -2.28 -9.75 14.99
CA VAL D 199 -1.77 -8.45 15.42
C VAL D 199 -1.77 -7.50 14.24
N THR D 200 -2.52 -6.41 14.37
CA THR D 200 -2.58 -5.40 13.33
C THR D 200 -2.06 -4.05 13.80
N GLY D 201 -2.07 -3.83 15.11
CA GLY D 201 -1.64 -2.55 15.67
C GLY D 201 -1.01 -2.59 17.05
N ILE D 202 -0.31 -1.51 17.38
CA ILE D 202 0.23 -1.30 18.72
C ILE D 202 -0.34 0.02 19.24
N VAL D 203 -0.97 -0.03 20.41
CA VAL D 203 -1.52 1.16 21.04
C VAL D 203 -0.42 2.20 21.24
N SER D 204 -0.60 3.37 20.64
CA SER D 204 0.43 4.41 20.63
C SER D 204 0.01 5.67 21.39
N TRP D 205 -0.95 6.41 20.85
CA TRP D 205 -1.37 7.69 21.44
C TRP D 205 -2.76 8.15 20.99
N GLY D 206 -3.24 9.23 21.61
CA GLY D 206 -4.48 9.90 21.21
C GLY D 206 -4.59 11.23 21.91
N GLU D 207 -5.41 12.13 21.36
CA GLU D 207 -5.67 13.43 21.99
C GLU D 207 -6.65 13.25 23.15
N GLY D 208 -6.12 12.83 24.29
CA GLY D 208 -6.94 12.51 25.45
C GLY D 208 -7.48 11.10 25.38
N CYS D 209 -8.66 10.90 25.98
CA CYS D 209 -9.33 9.61 25.96
C CYS D 209 -10.83 9.79 25.73
N ALA D 210 -11.33 9.16 24.66
CA ALA D 210 -12.77 9.15 24.31
C ALA D 210 -13.39 10.49 23.92
N ARG D 211 -12.54 11.51 23.68
CA ARG D 211 -13.00 12.85 23.33
C ARG D 211 -13.80 12.86 22.03
N LYS D 212 -14.86 13.65 21.98
CA LYS D 212 -15.71 13.79 20.79
C LYS D 212 -14.91 14.37 19.63
N GLY D 213 -15.08 13.77 18.46
CA GLY D 213 -14.34 14.17 17.26
C GLY D 213 -12.92 13.66 17.20
N LYS D 214 -12.49 12.99 18.26
CA LYS D 214 -11.13 12.45 18.37
C LYS D 214 -11.13 10.92 18.34
N TYR D 215 -10.08 10.34 17.79
CA TYR D 215 -9.96 8.87 17.71
C TYR D 215 -8.70 8.36 18.40
N GLY D 216 -8.53 7.04 18.42
CA GLY D 216 -7.33 6.42 18.93
C GLY D 216 -6.33 6.19 17.79
N ILE D 217 -5.05 6.45 18.07
CA ILE D 217 -4.01 6.28 17.06
C ILE D 217 -3.12 5.08 17.41
N TYR D 218 -2.93 4.21 16.41
CA TYR D 218 -2.20 2.97 16.60
C TYR D 218 -1.03 2.86 15.61
N THR D 219 0.03 2.16 16.03
CA THR D 219 1.17 1.89 15.16
C THR D 219 0.80 0.81 14.14
N LYS D 220 0.94 1.14 12.86
CA LYS D 220 0.58 0.24 11.77
C LYS D 220 1.63 -0.87 11.61
N VAL D 221 1.28 -2.06 12.09
CA VAL D 221 2.19 -3.21 12.12
C VAL D 221 2.56 -3.74 10.72
N THR D 222 1.64 -3.59 9.77
CA THR D 222 1.87 -4.00 8.38
C THR D 222 3.08 -3.32 7.74
N ALA D 223 3.44 -2.15 8.26
CA ALA D 223 4.59 -1.39 7.76
C ALA D 223 5.92 -1.94 8.26
N PHE D 224 5.88 -2.72 9.34
CA PHE D 224 7.10 -3.19 10.01
C PHE D 224 7.24 -4.71 10.08
N LEU D 225 6.45 -5.44 9.29
CA LEU D 225 6.46 -6.90 9.34
C LEU D 225 7.80 -7.53 8.94
N LYS D 226 8.47 -6.94 7.95
CA LYS D 226 9.82 -7.38 7.57
C LYS D 226 10.86 -6.99 8.62
N TRP D 227 10.59 -5.92 9.35
CA TRP D 227 11.46 -5.48 10.44
C TRP D 227 11.33 -6.40 11.65
N ILE D 228 10.09 -6.77 11.99
CA ILE D 228 9.81 -7.69 13.10
C ILE D 228 10.45 -9.06 12.86
N ASP D 229 10.34 -9.57 11.63
CA ASP D 229 10.94 -10.85 11.25
C ASP D 229 12.47 -10.78 11.32
N ARG D 230 13.03 -9.63 10.96
CA ARG D 230 14.48 -9.39 11.10
C ARG D 230 14.89 -9.30 12.57
N SER D 231 14.04 -8.69 13.38
CA SER D 231 14.27 -8.55 14.82
C SER D 231 14.21 -9.89 15.54
N MET D 232 13.35 -10.78 15.08
CA MET D 232 13.16 -12.09 15.71
C MET D 232 14.24 -13.11 15.33
N LYS D 233 15.20 -12.68 14.51
CA LYS D 233 16.35 -13.52 14.15
C LYS D 233 17.59 -13.11 14.95
N THR D 234 17.71 -11.81 15.25
CA THR D 234 18.85 -11.28 15.99
C THR D 234 18.47 -10.95 17.45
N ARG D 235 17.33 -11.13 17.87
#